data_8P3G
#
_entry.id   8P3G
#
_cell.length_a   62.299
_cell.length_b   76.031
_cell.length_c   118.846
_cell.angle_alpha   90.00
_cell.angle_beta   90.00
_cell.angle_gamma   90.00
#
_symmetry.space_group_name_H-M   'P 21 21 21'
#
loop_
_entity.id
_entity.type
_entity.pdbx_description
1 polymer 'Synaptotagmin-like protein 2,Ras-related protein Rab-27A'
2 non-polymer GLYCEROL
3 non-polymer 'PHOSPHOAMINOPHOSPHONIC ACID-GUANYLATE ESTER'
4 non-polymer ~{N}-(4-pyrrolidin-1-ylsulfonylphenyl)propanamide
5 non-polymer 'MAGNESIUM ION'
6 water water
#
_entity_poly.entity_id   1
_entity_poly.type   'polypeptide(L)'
_entity_poly.pdbx_seq_one_letter_code
;GHMSFLTEEEQEAIMKVLQRDAALKRAEEERGSGSGSGMSDGDYDYLIKFLALGDSGVGKTSVLYQYTDGKFNSKFITTV
GIDFREKRVVYRASGPDGATGRGQRIHLQLWDTAGLERFRSLTTAFFRDAMGFLLLFDLTNEQSFLNVRNWISQLQMHAY
CENPDIVLCGNKSDLEDQRVVKEEEAIALAEKYGIPYFETSAANGTNISQAIEMLLDLIMKRMERSVDKS
;
_entity_poly.pdbx_strand_id   A,B
#
loop_
_chem_comp.id
_chem_comp.type
_chem_comp.name
_chem_comp.formula
GNP non-polymer 'PHOSPHOAMINOPHOSPHONIC ACID-GUANYLATE ESTER' 'C10 H17 N6 O13 P3'
GOL non-polymer GLYCEROL 'C3 H8 O3'
MG non-polymer 'MAGNESIUM ION' 'Mg 2'
WTU non-polymer ~{N}-(4-pyrrolidin-1-ylsulfonylphenyl)propanamide 'C13 H18 N2 O3 S'
#
# COMPACT_ATOMS: atom_id res chain seq x y z
N GLY A 1 -0.89 -11.36 -24.51
CA GLY A 1 -0.49 -10.52 -23.39
C GLY A 1 -0.69 -9.05 -23.69
N HIS A 2 -1.92 -8.56 -23.48
CA HIS A 2 -2.26 -7.16 -23.73
C HIS A 2 -3.20 -6.68 -22.62
N MET A 3 -2.64 -6.50 -21.42
CA MET A 3 -3.45 -6.18 -20.25
C MET A 3 -3.93 -4.74 -20.30
N SER A 4 -5.23 -4.54 -20.08
CA SER A 4 -5.82 -3.21 -20.12
C SER A 4 -5.39 -2.39 -18.91
N PHE A 5 -5.10 -1.11 -19.15
CA PHE A 5 -5.11 -0.19 -18.03
C PHE A 5 -6.52 -0.12 -17.44
N LEU A 6 -6.63 0.41 -16.23
CA LEU A 6 -7.92 0.51 -15.59
C LEU A 6 -8.81 1.47 -16.37
N THR A 7 -10.10 1.15 -16.43
CA THR A 7 -11.00 2.14 -16.95
C THR A 7 -11.28 3.17 -15.87
N GLU A 8 -11.86 4.29 -16.30
CA GLU A 8 -12.24 5.34 -15.36
C GLU A 8 -13.22 4.77 -14.32
N GLU A 9 -14.09 3.84 -14.74
CA GLU A 9 -15.02 3.23 -13.80
C GLU A 9 -14.31 2.26 -12.87
N GLU A 10 -13.32 1.53 -13.37
CA GLU A 10 -12.53 0.67 -12.50
C GLU A 10 -11.74 1.50 -11.49
N GLN A 11 -11.09 2.59 -11.96
CA GLN A 11 -10.33 3.45 -11.04
C GLN A 11 -11.25 4.15 -10.05
N GLU A 12 -12.44 4.54 -10.51
CA GLU A 12 -13.37 5.20 -9.59
C GLU A 12 -13.77 4.25 -8.47
N ALA A 13 -13.95 2.96 -8.81
CA ALA A 13 -14.27 1.95 -7.80
C ALA A 13 -13.11 1.76 -6.82
N ILE A 14 -11.90 1.63 -7.33
CA ILE A 14 -10.74 1.40 -6.46
C ILE A 14 -10.49 2.61 -5.57
N MET A 15 -10.67 3.82 -6.10
CA MET A 15 -10.44 5.02 -5.28
C MET A 15 -11.47 5.12 -4.17
N LYS A 16 -12.70 4.67 -4.42
CA LYS A 16 -13.69 4.62 -3.35
C LYS A 16 -13.23 3.69 -2.23
N VAL A 17 -12.62 2.56 -2.60
CA VAL A 17 -12.11 1.64 -1.59
C VAL A 17 -11.02 2.31 -0.77
N LEU A 18 -10.09 3.00 -1.44
CA LEU A 18 -8.99 3.68 -0.73
C LEU A 18 -9.52 4.80 0.16
N GLN A 19 -10.57 5.49 -0.28
CA GLN A 19 -11.21 6.50 0.55
C GLN A 19 -11.83 5.87 1.80
N ARG A 20 -12.62 4.80 1.61
CA ARG A 20 -13.17 4.08 2.77
C ARG A 20 -12.06 3.61 3.69
N ASP A 21 -10.94 3.15 3.12
CA ASP A 21 -9.85 2.67 3.96
C ASP A 21 -9.23 3.81 4.75
N ALA A 22 -9.03 4.97 4.11
CA ALA A 22 -8.38 6.06 4.82
C ALA A 22 -9.24 6.55 5.98
N ALA A 23 -10.56 6.61 5.78
CA ALA A 23 -11.47 7.00 6.85
C ALA A 23 -11.44 5.98 7.99
N LEU A 24 -11.46 4.70 7.67
CA LEU A 24 -11.38 3.66 8.70
C LEU A 24 -10.12 3.81 9.53
N LYS A 25 -8.97 3.98 8.86
CA LYS A 25 -7.72 4.13 9.58
C LYS A 25 -7.69 5.40 10.41
N ARG A 26 -8.23 6.51 9.88
CA ARG A 26 -8.19 7.76 10.62
C ARG A 26 -9.03 7.69 11.91
N ALA A 27 -10.10 6.91 11.92
CA ALA A 27 -10.79 6.69 13.18
C ALA A 27 -9.98 5.82 14.15
N GLU A 28 -8.91 5.18 13.68
CA GLU A 28 -8.09 4.29 14.51
C GLU A 28 -8.93 3.14 15.07
N TYR A 44 -12.04 -1.26 17.73
CA TYR A 44 -12.79 -1.64 18.92
C TYR A 44 -11.87 -1.62 20.14
N ASP A 45 -11.06 -2.67 20.26
CA ASP A 45 -9.86 -2.65 21.06
C ASP A 45 -8.64 -3.05 20.25
N TYR A 46 -8.84 -3.54 19.03
CA TYR A 46 -7.74 -3.99 18.18
C TYR A 46 -8.23 -3.97 16.74
N LEU A 47 -7.55 -3.21 15.89
CA LEU A 47 -7.76 -3.33 14.46
C LEU A 47 -6.84 -4.44 13.97
N ILE A 48 -7.43 -5.55 13.50
CA ILE A 48 -6.66 -6.67 12.98
C ILE A 48 -6.96 -6.79 11.50
N LYS A 49 -5.92 -6.78 10.67
CA LYS A 49 -6.05 -6.76 9.22
C LYS A 49 -5.48 -8.05 8.64
N PHE A 50 -6.24 -8.68 7.76
CA PHE A 50 -5.64 -9.71 6.92
C PHE A 50 -6.18 -9.59 5.51
N LEU A 51 -5.60 -10.41 4.63
CA LEU A 51 -5.80 -10.22 3.20
C LEU A 51 -5.97 -11.59 2.56
N ALA A 52 -7.00 -11.73 1.73
CA ALA A 52 -7.25 -12.97 1.03
C ALA A 52 -6.71 -12.88 -0.39
N LEU A 53 -6.04 -13.93 -0.84
CA LEU A 53 -5.46 -13.96 -2.18
C LEU A 53 -5.51 -15.38 -2.72
N GLY A 54 -5.17 -15.52 -4.00
CA GLY A 54 -5.31 -16.75 -4.75
C GLY A 54 -5.89 -16.51 -6.13
N ASP A 55 -5.88 -17.55 -6.97
CA ASP A 55 -6.30 -17.42 -8.36
C ASP A 55 -7.71 -16.83 -8.46
N SER A 56 -7.95 -16.14 -9.56
CA SER A 56 -9.29 -15.68 -9.87
C SER A 56 -10.26 -16.87 -9.89
N GLY A 57 -11.45 -16.66 -9.31
CA GLY A 57 -12.52 -17.65 -9.37
C GLY A 57 -12.50 -18.70 -8.29
N VAL A 58 -11.53 -18.67 -7.38
CA VAL A 58 -11.47 -19.72 -6.35
C VAL A 58 -12.44 -19.48 -5.22
N GLY A 59 -12.99 -18.27 -5.07
CA GLY A 59 -13.98 -18.00 -4.05
C GLY A 59 -13.53 -17.11 -2.89
N LYS A 60 -12.55 -16.24 -3.13
CA LYS A 60 -12.12 -15.32 -2.08
C LYS A 60 -13.25 -14.40 -1.65
N THR A 61 -13.86 -13.71 -2.61
CA THR A 61 -14.96 -12.81 -2.28
C THR A 61 -16.09 -13.53 -1.58
N SER A 62 -16.43 -14.71 -2.09
CA SER A 62 -17.55 -15.48 -1.54
C SER A 62 -17.26 -15.95 -0.12
N VAL A 63 -16.01 -16.38 0.13
CA VAL A 63 -15.66 -16.84 1.47
C VAL A 63 -15.79 -15.70 2.47
N LEU A 64 -15.39 -14.49 2.08
CA LEU A 64 -15.47 -13.36 3.00
C LEU A 64 -16.92 -12.94 3.24
N TYR A 65 -17.74 -12.92 2.19
CA TYR A 65 -19.14 -12.55 2.34
C TYR A 65 -19.92 -13.58 3.15
N GLN A 66 -19.57 -14.86 3.03
CA GLN A 66 -20.19 -15.87 3.90
C GLN A 66 -19.82 -15.60 5.35
N TYR A 67 -18.57 -15.25 5.62
CA TYR A 67 -18.12 -15.00 6.99
C TYR A 67 -18.81 -13.78 7.59
N THR A 68 -18.89 -12.67 6.84
CA THR A 68 -19.42 -11.44 7.47
C THR A 68 -20.93 -11.44 7.50
N ASP A 69 -21.59 -11.99 6.48
CA ASP A 69 -23.02 -11.84 6.33
C ASP A 69 -23.81 -13.13 6.33
N GLY A 70 -23.15 -14.28 6.28
CA GLY A 70 -23.91 -15.53 6.23
C GLY A 70 -24.68 -15.73 4.94
N LYS A 71 -24.24 -15.10 3.84
CA LYS A 71 -24.96 -15.19 2.57
C LYS A 71 -24.02 -15.68 1.46
N PHE A 72 -24.60 -16.15 0.37
CA PHE A 72 -23.81 -16.62 -0.77
C PHE A 72 -24.57 -16.36 -2.06
N ASN A 73 -23.85 -15.86 -3.06
CA ASN A 73 -24.41 -15.55 -4.37
C ASN A 73 -23.73 -16.43 -5.42
N SER A 74 -24.51 -17.20 -6.17
CA SER A 74 -23.89 -18.11 -7.13
C SER A 74 -23.39 -17.39 -8.37
N LYS A 75 -23.77 -16.14 -8.60
CA LYS A 75 -23.30 -15.39 -9.74
C LYS A 75 -21.86 -14.91 -9.51
N PHE A 76 -21.04 -15.02 -10.56
CA PHE A 76 -19.64 -14.62 -10.50
C PHE A 76 -19.49 -13.13 -10.81
N ILE A 77 -19.20 -12.34 -9.78
CA ILE A 77 -18.91 -10.91 -9.94
C ILE A 77 -17.45 -10.72 -9.59
N THR A 78 -16.59 -10.69 -10.61
CA THR A 78 -15.16 -10.67 -10.37
C THR A 78 -14.75 -9.35 -9.71
N THR A 79 -13.79 -9.44 -8.78
CA THR A 79 -13.42 -8.28 -7.98
C THR A 79 -12.66 -7.24 -8.80
N VAL A 80 -13.09 -5.98 -8.71
CA VAL A 80 -12.49 -4.89 -9.47
C VAL A 80 -11.25 -4.44 -8.73
N GLY A 81 -10.21 -5.26 -8.80
CA GLY A 81 -8.93 -4.90 -8.24
C GLY A 81 -8.82 -5.19 -6.76
N ILE A 82 -9.63 -4.51 -5.93
CA ILE A 82 -9.44 -4.59 -4.49
C ILE A 82 -10.71 -4.13 -3.80
N ASP A 83 -10.97 -4.70 -2.63
CA ASP A 83 -12.08 -4.30 -1.78
C ASP A 83 -11.77 -4.80 -0.39
N PHE A 84 -12.58 -4.39 0.59
CA PHE A 84 -12.50 -5.02 1.89
C PHE A 84 -13.89 -5.09 2.52
N ARG A 85 -14.02 -6.01 3.46
CA ARG A 85 -15.15 -6.11 4.36
C ARG A 85 -14.65 -5.98 5.79
N GLU A 86 -15.62 -5.89 6.71
CA GLU A 86 -15.35 -5.64 8.13
C GLU A 86 -16.27 -6.52 8.97
N LYS A 87 -15.82 -6.83 10.18
CA LYS A 87 -16.61 -7.56 11.16
C LYS A 87 -16.07 -7.27 12.56
N ARG A 88 -16.98 -7.07 13.51
CA ARG A 88 -16.61 -6.99 14.92
C ARG A 88 -16.72 -8.37 15.52
N VAL A 89 -15.67 -8.82 16.21
CA VAL A 89 -15.68 -10.13 16.84
C VAL A 89 -15.04 -10.02 18.21
N VAL A 90 -15.26 -11.06 19.01
CA VAL A 90 -14.69 -11.17 20.33
C VAL A 90 -13.72 -12.35 20.31
N TYR A 91 -12.46 -12.08 20.66
CA TYR A 91 -11.40 -13.07 20.66
C TYR A 91 -11.01 -13.43 22.08
N ARG A 92 -10.79 -14.71 22.35
CA ARG A 92 -10.34 -15.17 23.65
C ARG A 92 -9.06 -15.96 23.50
N ALA A 93 -8.05 -15.60 24.27
CA ALA A 93 -6.76 -16.27 24.17
C ALA A 93 -6.88 -17.71 24.66
N SER A 94 -5.87 -18.50 24.32
CA SER A 94 -5.78 -19.90 24.71
C SER A 94 -4.50 -20.09 25.50
N GLY A 95 -4.61 -20.58 26.72
CA GLY A 95 -3.47 -20.79 27.58
C GLY A 95 -3.35 -22.22 28.03
N PRO A 96 -2.36 -22.50 28.89
CA PRO A 96 -2.23 -23.86 29.42
C PRO A 96 -3.46 -24.26 30.22
N ASP A 97 -3.77 -25.56 30.17
CA ASP A 97 -5.00 -26.15 30.71
C ASP A 97 -6.25 -25.68 29.97
N GLY A 98 -6.09 -25.16 28.76
CA GLY A 98 -7.21 -24.57 28.06
C GLY A 98 -7.77 -23.35 28.76
N ALA A 99 -6.90 -22.56 29.40
CA ALA A 99 -7.30 -21.40 30.19
C ALA A 99 -7.72 -20.28 29.24
N THR A 100 -8.97 -20.33 28.80
CA THR A 100 -9.46 -19.38 27.81
C THR A 100 -9.69 -18.02 28.47
N GLY A 101 -8.94 -17.02 28.01
CA GLY A 101 -8.84 -15.74 28.69
C GLY A 101 -9.95 -14.78 28.32
N ARG A 102 -9.81 -13.56 28.81
CA ARG A 102 -10.86 -12.55 28.71
C ARG A 102 -11.26 -12.30 27.26
N GLY A 103 -12.53 -11.96 27.05
CA GLY A 103 -12.97 -11.60 25.72
C GLY A 103 -12.36 -10.26 25.30
N GLN A 104 -11.85 -10.21 24.06
CA GLN A 104 -11.20 -9.00 23.53
C GLN A 104 -11.95 -8.52 22.29
N ARG A 105 -12.25 -7.22 22.25
CA ARG A 105 -12.96 -6.63 21.12
C ARG A 105 -12.00 -6.48 19.94
N ILE A 106 -12.25 -7.24 18.88
CA ILE A 106 -11.44 -7.20 17.67
C ILE A 106 -12.28 -6.59 16.57
N HIS A 107 -11.74 -5.54 15.95
CA HIS A 107 -12.29 -4.99 14.72
C HIS A 107 -11.49 -5.59 13.57
N LEU A 108 -12.14 -6.43 12.76
CA LEU A 108 -11.48 -7.10 11.64
C LEU A 108 -11.66 -6.29 10.35
N GLN A 109 -10.55 -5.99 9.67
CA GLN A 109 -10.59 -5.49 8.31
C GLN A 109 -10.08 -6.59 7.39
N LEU A 110 -10.92 -7.03 6.45
CA LEU A 110 -10.67 -8.23 5.65
C LEU A 110 -10.46 -7.82 4.19
N TRP A 111 -9.19 -7.60 3.81
CA TRP A 111 -8.86 -7.23 2.45
C TRP A 111 -9.16 -8.39 1.48
N ASP A 112 -9.72 -8.02 0.33
CA ASP A 112 -10.15 -8.95 -0.71
C ASP A 112 -9.49 -8.54 -2.01
N THR A 113 -8.62 -9.38 -2.55
CA THR A 113 -7.85 -9.02 -3.74
C THR A 113 -8.38 -9.73 -4.98
N ALA A 114 -8.21 -9.08 -6.11
CA ALA A 114 -8.52 -9.71 -7.39
C ALA A 114 -7.42 -10.72 -7.70
N GLY A 115 -7.82 -11.89 -8.24
CA GLY A 115 -6.84 -12.90 -8.61
C GLY A 115 -6.20 -12.70 -9.98
N LEU A 116 -6.84 -11.96 -10.89
CA LEU A 116 -6.32 -11.88 -12.25
C LEU A 116 -4.99 -11.14 -12.28
N GLU A 117 -4.11 -11.59 -13.18
CA GLU A 117 -2.75 -11.03 -13.28
C GLU A 117 -2.76 -9.54 -13.55
N ARG A 118 -3.76 -9.03 -14.26
CA ARG A 118 -3.83 -7.60 -14.58
C ARG A 118 -3.77 -6.73 -13.33
N PHE A 119 -4.21 -7.26 -12.18
CA PHE A 119 -4.29 -6.51 -10.93
C PHE A 119 -3.14 -6.81 -9.99
N ARG A 120 -2.15 -7.59 -10.43
CA ARG A 120 -1.13 -8.11 -9.51
C ARG A 120 -0.36 -7.01 -8.80
N SER A 121 0.06 -5.96 -9.52
CA SER A 121 0.87 -4.93 -8.86
C SER A 121 0.02 -4.07 -7.95
N LEU A 122 -1.23 -3.81 -8.32
CA LEU A 122 -2.11 -3.07 -7.42
C LEU A 122 -2.36 -3.87 -6.13
N THR A 123 -2.79 -5.13 -6.27
CA THR A 123 -3.09 -5.91 -5.05
C THR A 123 -1.84 -6.14 -4.19
N THR A 124 -0.67 -6.28 -4.81
CA THR A 124 0.54 -6.47 -3.99
C THR A 124 0.87 -5.22 -3.20
N ALA A 125 0.48 -4.04 -3.69
CA ALA A 125 0.64 -2.81 -2.94
C ALA A 125 -0.14 -2.77 -1.63
N PHE A 126 -0.99 -3.77 -1.36
CA PHE A 126 -1.76 -3.79 -0.12
C PHE A 126 -1.25 -4.82 0.87
N PHE A 127 -0.24 -5.63 0.49
CA PHE A 127 0.38 -6.54 1.45
C PHE A 127 0.94 -5.81 2.66
N ARG A 128 1.36 -4.55 2.48
N ARG A 128 1.35 -4.55 2.48
CA ARG A 128 1.90 -3.79 3.59
CA ARG A 128 1.90 -3.78 3.60
C ARG A 128 0.88 -3.58 4.71
C ARG A 128 0.88 -3.54 4.70
N ASP A 129 -0.40 -3.73 4.41
CA ASP A 129 -1.43 -3.52 5.41
C ASP A 129 -1.92 -4.80 6.06
N ALA A 130 -1.47 -5.97 5.62
CA ALA A 130 -1.97 -7.25 6.13
C ALA A 130 -1.09 -7.76 7.26
N MET A 131 -1.71 -8.23 8.33
CA MET A 131 -1.00 -8.94 9.39
C MET A 131 -0.98 -10.44 9.17
N GLY A 132 -1.69 -10.93 8.15
CA GLY A 132 -1.83 -12.35 7.90
C GLY A 132 -2.59 -12.55 6.61
N PHE A 133 -2.57 -13.78 6.12
CA PHE A 133 -3.06 -14.04 4.78
C PHE A 133 -3.97 -15.25 4.76
N LEU A 134 -5.07 -15.15 4.03
CA LEU A 134 -5.96 -16.27 3.77
C LEU A 134 -5.74 -16.67 2.33
N LEU A 135 -5.11 -17.81 2.11
CA LEU A 135 -4.67 -18.21 0.78
C LEU A 135 -5.60 -19.31 0.30
N LEU A 136 -6.30 -19.06 -0.82
CA LEU A 136 -7.29 -20.00 -1.32
C LEU A 136 -6.86 -20.67 -2.62
N PHE A 137 -7.26 -21.93 -2.75
CA PHE A 137 -7.37 -22.58 -4.05
C PHE A 137 -8.77 -23.16 -4.14
N ASP A 138 -9.08 -23.73 -5.30
CA ASP A 138 -10.37 -24.32 -5.61
C ASP A 138 -10.20 -25.84 -5.70
N LEU A 139 -10.90 -26.58 -4.84
CA LEU A 139 -10.86 -28.05 -4.87
C LEU A 139 -11.29 -28.62 -6.22
N THR A 140 -12.01 -27.86 -7.03
CA THR A 140 -12.45 -28.34 -8.33
C THR A 140 -11.47 -27.95 -9.44
N ASN A 141 -10.37 -27.29 -9.11
CA ASN A 141 -9.49 -26.74 -10.12
C ASN A 141 -8.04 -27.08 -9.76
N GLU A 142 -7.50 -28.11 -10.41
CA GLU A 142 -6.16 -28.57 -10.09
C GLU A 142 -5.13 -27.46 -10.27
N GLN A 143 -5.23 -26.69 -11.35
CA GLN A 143 -4.23 -25.66 -11.60
C GLN A 143 -4.20 -24.62 -10.47
N SER A 144 -5.36 -24.31 -9.88
CA SER A 144 -5.39 -23.33 -8.79
C SER A 144 -4.66 -23.86 -7.58
N PHE A 145 -4.67 -25.17 -7.37
CA PHE A 145 -3.88 -25.77 -6.30
C PHE A 145 -2.39 -25.82 -6.65
N LEU A 146 -2.05 -26.15 -7.91
CA LEU A 146 -0.65 -26.15 -8.30
C LEU A 146 -0.05 -24.76 -8.19
N ASN A 147 -0.86 -23.71 -8.32
CA ASN A 147 -0.33 -22.36 -8.21
C ASN A 147 -0.04 -21.95 -6.78
N VAL A 148 -0.41 -22.78 -5.80
CA VAL A 148 -0.30 -22.37 -4.40
C VAL A 148 1.17 -22.13 -4.03
N ARG A 149 2.06 -23.00 -4.52
CA ARG A 149 3.48 -22.84 -4.21
C ARG A 149 4.00 -21.48 -4.68
N ASN A 150 3.58 -21.03 -5.87
CA ASN A 150 3.97 -19.70 -6.34
C ASN A 150 3.38 -18.61 -5.47
N TRP A 151 2.12 -18.76 -5.04
CA TRP A 151 1.51 -17.76 -4.16
C TRP A 151 2.30 -17.62 -2.86
N ILE A 152 2.65 -18.75 -2.23
CA ILE A 152 3.41 -18.70 -0.99
C ILE A 152 4.75 -18.00 -1.21
N SER A 153 5.40 -18.31 -2.34
CA SER A 153 6.67 -17.67 -2.70
C SER A 153 6.52 -16.16 -2.83
N GLN A 154 5.47 -15.72 -3.51
CA GLN A 154 5.21 -14.29 -3.60
C GLN A 154 4.92 -13.70 -2.23
N LEU A 155 4.33 -14.48 -1.31
CA LEU A 155 4.07 -13.97 0.03
C LEU A 155 5.37 -13.81 0.81
N GLN A 156 6.27 -14.80 0.71
CA GLN A 156 7.59 -14.67 1.33
C GLN A 156 8.30 -13.41 0.83
N MET A 157 8.22 -13.17 -0.49
CA MET A 157 8.95 -12.07 -1.09
C MET A 157 8.31 -10.72 -0.77
N HIS A 158 6.98 -10.65 -0.67
CA HIS A 158 6.32 -9.34 -0.57
C HIS A 158 5.67 -9.02 0.76
N ALA A 159 5.53 -9.98 1.66
CA ALA A 159 5.03 -9.64 2.99
C ALA A 159 6.02 -8.77 3.74
N TYR A 160 5.50 -7.93 4.63
CA TYR A 160 6.28 -6.91 5.33
C TYR A 160 6.61 -7.29 6.77
N CYS A 161 6.86 -8.69 6.91
CA CYS A 161 7.45 -9.37 8.06
C CYS A 161 8.07 -10.67 7.58
N GLU A 162 9.06 -11.41 8.29
CA GLU A 162 9.52 -12.74 7.86
C GLU A 162 8.53 -13.81 8.29
N ASN A 163 8.45 -14.88 7.49
CA ASN A 163 7.47 -15.95 7.59
C ASN A 163 6.10 -15.46 8.04
N PRO A 164 5.36 -14.81 7.14
CA PRO A 164 4.03 -14.31 7.49
C PRO A 164 3.09 -15.46 7.88
N ASP A 165 2.11 -15.15 8.72
CA ASP A 165 1.10 -16.14 9.05
C ASP A 165 0.14 -16.34 7.88
N ILE A 166 -0.04 -17.60 7.50
CA ILE A 166 -0.89 -18.00 6.39
C ILE A 166 -1.81 -19.10 6.89
N VAL A 167 -3.08 -19.06 6.48
CA VAL A 167 -3.98 -20.20 6.57
C VAL A 167 -4.39 -20.56 5.16
N LEU A 168 -4.25 -21.83 4.80
CA LEU A 168 -4.56 -22.30 3.47
C LEU A 168 -5.99 -22.82 3.45
N CYS A 169 -6.77 -22.44 2.42
CA CYS A 169 -8.14 -22.92 2.29
C CYS A 169 -8.35 -23.59 0.93
N GLY A 170 -8.75 -24.86 0.96
CA GLY A 170 -9.25 -25.47 -0.26
C GLY A 170 -10.75 -25.27 -0.28
N ASN A 171 -11.23 -24.41 -1.17
CA ASN A 171 -12.60 -23.91 -1.12
C ASN A 171 -13.49 -24.71 -2.07
N LYS A 172 -14.81 -24.52 -1.92
CA LYS A 172 -15.84 -25.21 -2.70
C LYS A 172 -15.91 -26.70 -2.35
N SER A 173 -15.80 -27.02 -1.07
CA SER A 173 -15.92 -28.42 -0.64
C SER A 173 -17.31 -29.00 -0.86
N ASP A 174 -18.32 -28.15 -1.10
CA ASP A 174 -19.67 -28.61 -1.30
C ASP A 174 -19.90 -29.19 -2.69
N LEU A 175 -18.96 -28.99 -3.62
CA LEU A 175 -19.08 -29.53 -4.97
C LEU A 175 -18.33 -30.86 -5.05
N GLU A 176 -18.87 -31.85 -4.33
N GLU A 176 -18.86 -31.86 -4.32
CA GLU A 176 -18.17 -33.11 -4.15
CA GLU A 176 -18.14 -33.11 -4.15
C GLU A 176 -17.97 -33.83 -5.48
C GLU A 176 -17.96 -33.82 -5.49
N ASP A 177 -18.99 -33.82 -6.34
CA ASP A 177 -18.89 -34.50 -7.63
C ASP A 177 -17.83 -33.88 -8.52
N GLN A 178 -17.47 -32.63 -8.29
CA GLN A 178 -16.53 -31.92 -9.15
C GLN A 178 -15.14 -31.81 -8.55
N ARG A 179 -14.89 -32.45 -7.41
CA ARG A 179 -13.61 -32.32 -6.72
C ARG A 179 -12.52 -33.00 -7.53
N VAL A 180 -11.41 -32.30 -7.76
CA VAL A 180 -10.25 -32.89 -8.41
C VAL A 180 -9.00 -32.87 -7.53
N VAL A 181 -8.89 -31.99 -6.55
CA VAL A 181 -7.67 -31.91 -5.75
C VAL A 181 -7.71 -32.97 -4.65
N LYS A 182 -6.77 -33.90 -4.69
CA LYS A 182 -6.77 -34.95 -3.68
C LYS A 182 -6.33 -34.39 -2.33
N GLU A 183 -7.03 -34.83 -1.28
CA GLU A 183 -6.73 -34.37 0.06
C GLU A 183 -5.26 -34.59 0.44
N GLU A 184 -4.65 -35.66 -0.07
CA GLU A 184 -3.30 -36.01 0.37
C GLU A 184 -2.27 -34.96 -0.04
N GLU A 185 -2.37 -34.47 -1.28
CA GLU A 185 -1.41 -33.46 -1.74
C GLU A 185 -1.61 -32.12 -1.07
N ALA A 186 -2.85 -31.75 -0.75
CA ALA A 186 -3.07 -30.49 -0.05
C ALA A 186 -2.51 -30.57 1.36
N ILE A 187 -2.84 -31.65 2.08
CA ILE A 187 -2.31 -31.84 3.43
C ILE A 187 -0.80 -31.88 3.42
N ALA A 188 -0.21 -32.65 2.49
CA ALA A 188 1.25 -32.70 2.37
C ALA A 188 1.83 -31.32 2.09
N LEU A 189 1.22 -30.55 1.18
CA LEU A 189 1.77 -29.21 0.89
C LEU A 189 1.72 -28.32 2.14
N ALA A 190 0.59 -28.33 2.85
CA ALA A 190 0.47 -27.53 4.06
C ALA A 190 1.45 -27.99 5.14
N GLU A 191 1.70 -29.30 5.21
CA GLU A 191 2.65 -29.79 6.21
C GLU A 191 4.05 -29.31 5.88
N LYS A 192 4.40 -29.33 4.60
CA LYS A 192 5.74 -28.93 4.15
C LYS A 192 6.04 -27.48 4.50
N TYR A 193 5.03 -26.63 4.49
CA TYR A 193 5.21 -25.21 4.72
C TYR A 193 4.86 -24.80 6.13
N GLY A 194 4.39 -25.73 6.96
CA GLY A 194 3.98 -25.39 8.31
C GLY A 194 2.74 -24.52 8.40
N ILE A 195 1.78 -24.68 7.49
CA ILE A 195 0.61 -23.80 7.49
C ILE A 195 -0.69 -24.57 7.69
N PRO A 196 -1.63 -24.03 8.47
CA PRO A 196 -2.90 -24.72 8.71
C PRO A 196 -3.69 -24.88 7.42
N TYR A 197 -4.38 -26.01 7.29
CA TYR A 197 -5.16 -26.29 6.09
C TYR A 197 -6.62 -26.58 6.46
N PHE A 198 -7.55 -25.91 5.78
CA PHE A 198 -8.97 -26.17 5.98
C PHE A 198 -9.61 -26.36 4.63
N GLU A 199 -10.50 -27.34 4.52
CA GLU A 199 -11.37 -27.43 3.35
C GLU A 199 -12.66 -26.68 3.70
N THR A 200 -13.00 -25.70 2.88
CA THR A 200 -14.08 -24.76 3.18
C THR A 200 -15.15 -24.79 2.11
N SER A 201 -16.32 -24.27 2.47
CA SER A 201 -17.36 -24.00 1.47
C SER A 201 -17.93 -22.63 1.77
N ALA A 202 -17.81 -21.71 0.82
CA ALA A 202 -18.50 -20.44 0.98
C ALA A 202 -19.99 -20.59 0.75
N ALA A 203 -20.40 -21.66 0.07
CA ALA A 203 -21.82 -21.87 -0.20
C ALA A 203 -22.59 -22.20 1.08
N ASN A 204 -22.08 -23.14 1.88
CA ASN A 204 -22.80 -23.55 3.09
C ASN A 204 -22.09 -23.18 4.38
N GLY A 205 -20.93 -22.51 4.33
CA GLY A 205 -20.27 -22.02 5.52
C GLY A 205 -19.27 -22.97 6.18
N THR A 206 -19.20 -24.23 5.76
CA THR A 206 -18.35 -25.20 6.43
C THR A 206 -16.91 -24.72 6.56
N ASN A 207 -16.42 -24.65 7.79
CA ASN A 207 -15.03 -24.27 8.13
C ASN A 207 -14.66 -22.83 7.78
N ILE A 208 -15.60 -21.99 7.38
CA ILE A 208 -15.23 -20.60 7.09
C ILE A 208 -14.76 -19.91 8.36
N SER A 209 -15.61 -19.86 9.38
CA SER A 209 -15.22 -19.20 10.62
C SER A 209 -14.04 -19.89 11.29
N GLN A 210 -13.91 -21.22 11.13
CA GLN A 210 -12.79 -21.92 11.73
C GLN A 210 -11.46 -21.49 11.11
N ALA A 211 -11.39 -21.42 9.78
CA ALA A 211 -10.15 -21.01 9.13
C ALA A 211 -9.77 -19.58 9.52
N ILE A 212 -10.76 -18.68 9.55
CA ILE A 212 -10.47 -17.27 9.82
C ILE A 212 -10.10 -17.07 11.29
N GLU A 213 -10.77 -17.79 12.18
CA GLU A 213 -10.45 -17.66 13.59
C GLU A 213 -9.06 -18.21 13.89
N MET A 214 -8.67 -19.28 13.19
CA MET A 214 -7.32 -19.79 13.33
C MET A 214 -6.30 -18.75 12.87
N LEU A 215 -6.55 -18.10 11.73
CA LEU A 215 -5.63 -17.05 11.30
C LEU A 215 -5.58 -15.92 12.34
N LEU A 216 -6.73 -15.53 12.87
CA LEU A 216 -6.74 -14.50 13.90
C LEU A 216 -5.95 -14.95 15.13
N ASP A 217 -6.08 -16.22 15.51
CA ASP A 217 -5.36 -16.71 16.69
C ASP A 217 -3.85 -16.67 16.47
N LEU A 218 -3.39 -17.06 15.28
CA LEU A 218 -1.97 -16.94 14.94
C LEU A 218 -1.51 -15.49 15.06
N ILE A 219 -2.29 -14.56 14.51
CA ILE A 219 -1.90 -13.16 14.57
C ILE A 219 -1.86 -12.66 16.01
N MET A 220 -2.88 -13.01 16.81
CA MET A 220 -2.93 -12.55 18.19
C MET A 220 -1.81 -13.18 19.02
N LYS A 221 -1.55 -14.48 18.84
CA LYS A 221 -0.44 -15.12 19.56
C LYS A 221 0.88 -14.48 19.17
N ARG A 222 1.07 -14.20 17.88
CA ARG A 222 2.28 -13.54 17.41
C ARG A 222 2.49 -12.21 18.12
N MET A 223 1.41 -11.45 18.35
CA MET A 223 1.57 -10.15 19.00
C MET A 223 1.94 -10.29 20.47
N GLU A 224 1.31 -11.25 21.17
CA GLU A 224 1.64 -11.46 22.58
C GLU A 224 3.09 -11.89 22.77
N ARG A 225 3.74 -12.46 21.74
CA ARG A 225 5.15 -12.80 21.87
C ARG A 225 6.04 -11.56 21.79
N SER A 226 5.85 -10.75 20.75
CA SER A 226 6.68 -9.58 20.49
C SER A 226 6.87 -8.67 21.70
N SER B 4 -2.14 1.65 -26.14
CA SER B 4 -1.62 1.73 -24.79
C SER B 4 -2.16 0.61 -23.90
N PHE B 5 -1.26 -0.13 -23.28
CA PHE B 5 -1.67 -1.29 -22.48
C PHE B 5 -0.61 -1.56 -21.41
N LEU B 6 -1.07 -2.12 -20.30
CA LEU B 6 -0.21 -2.52 -19.20
C LEU B 6 0.66 -3.69 -19.63
N THR B 7 1.95 -3.43 -19.87
CA THR B 7 2.85 -4.47 -20.33
C THR B 7 3.43 -5.25 -19.16
N GLU B 8 3.83 -6.49 -19.45
CA GLU B 8 4.43 -7.35 -18.43
C GLU B 8 5.70 -6.73 -17.86
N GLU B 9 6.48 -6.05 -18.72
CA GLU B 9 7.68 -5.35 -18.27
C GLU B 9 7.32 -4.32 -17.20
N GLU B 10 6.35 -3.45 -17.49
CA GLU B 10 5.96 -2.41 -16.54
C GLU B 10 5.44 -3.02 -15.24
N GLN B 11 4.66 -4.09 -15.32
CA GLN B 11 4.21 -4.72 -14.09
C GLN B 11 5.38 -5.32 -13.32
N GLU B 12 6.37 -5.87 -14.06
CA GLU B 12 7.56 -6.43 -13.41
C GLU B 12 8.42 -5.34 -12.76
N ALA B 13 8.57 -4.19 -13.42
CA ALA B 13 9.30 -3.08 -12.81
C ALA B 13 8.64 -2.64 -11.50
N ILE B 14 7.31 -2.58 -11.48
CA ILE B 14 6.59 -2.13 -10.29
C ILE B 14 6.74 -3.15 -9.17
N MET B 15 6.63 -4.44 -9.50
CA MET B 15 6.78 -5.48 -8.49
C MET B 15 8.18 -5.51 -7.92
N LYS B 16 9.18 -5.15 -8.74
CA LYS B 16 10.54 -5.01 -8.22
C LYS B 16 10.62 -3.87 -7.20
N VAL B 17 9.97 -2.75 -7.48
CA VAL B 17 9.93 -1.68 -6.47
C VAL B 17 9.29 -2.20 -5.19
N LEU B 18 8.20 -2.97 -5.33
CA LEU B 18 7.48 -3.47 -4.16
C LEU B 18 8.32 -4.51 -3.40
N GLN B 19 9.04 -5.35 -4.14
CA GLN B 19 10.00 -6.27 -3.52
C GLN B 19 11.06 -5.50 -2.75
N ARG B 20 11.62 -4.45 -3.36
CA ARG B 20 12.61 -3.63 -2.68
C ARG B 20 12.03 -3.01 -1.42
N ASP B 21 10.77 -2.58 -1.48
CA ASP B 21 10.18 -1.88 -0.35
C ASP B 21 9.98 -2.83 0.84
N ALA B 22 9.53 -4.06 0.59
CA ALA B 22 9.33 -4.99 1.69
C ALA B 22 10.66 -5.42 2.30
N ALA B 23 11.68 -5.59 1.47
CA ALA B 23 13.01 -5.93 2.00
C ALA B 23 13.54 -4.83 2.90
N LEU B 24 13.25 -3.57 2.57
CA LEU B 24 13.68 -2.45 3.40
C LEU B 24 12.93 -2.43 4.72
N LYS B 25 11.61 -2.62 4.68
CA LYS B 25 10.85 -2.65 5.92
C LYS B 25 11.21 -3.86 6.77
N ARG B 26 11.48 -5.01 6.14
CA ARG B 26 11.88 -6.18 6.92
C ARG B 26 13.23 -5.93 7.60
N ALA B 27 14.18 -5.33 6.87
CA ALA B 27 15.45 -4.93 7.47
C ALA B 27 15.28 -3.88 8.56
N GLU B 28 14.17 -3.13 8.54
CA GLU B 28 13.94 -2.15 9.59
C GLU B 28 13.40 -2.80 10.86
N GLU B 29 12.70 -3.93 10.73
CA GLU B 29 12.16 -4.62 11.89
C GLU B 29 13.28 -5.13 12.79
N GLU B 30 14.23 -5.86 12.22
CA GLU B 30 15.45 -6.23 12.93
C GLU B 30 16.28 -4.98 13.20
N ARG B 31 16.01 -4.31 14.31
CA ARG B 31 16.73 -3.07 14.66
C ARG B 31 17.38 -3.18 16.03
N TYR B 44 20.58 3.73 13.25
CA TYR B 44 20.19 5.14 13.18
C TYR B 44 18.92 5.39 13.97
N ASP B 45 18.55 6.66 14.10
CA ASP B 45 17.39 7.05 14.91
C ASP B 45 16.10 6.57 14.28
N TYR B 46 15.68 7.20 13.17
CA TYR B 46 14.37 6.94 12.59
C TYR B 46 14.49 6.66 11.09
N LEU B 47 13.52 5.89 10.59
CA LEU B 47 13.27 5.76 9.15
C LEU B 47 12.11 6.70 8.83
N ILE B 48 12.37 7.68 7.97
CA ILE B 48 11.42 8.74 7.68
C ILE B 48 11.04 8.65 6.22
N LYS B 49 9.75 8.64 5.93
CA LYS B 49 9.24 8.39 4.59
C LYS B 49 8.47 9.61 4.11
N PHE B 50 8.80 10.11 2.92
CA PHE B 50 7.87 11.06 2.34
CA PHE B 50 8.14 11.21 2.22
C PHE B 50 7.61 10.70 0.89
N LEU B 51 6.66 11.42 0.31
CA LEU B 51 6.15 11.05 -1.00
C LEU B 51 6.04 12.30 -1.84
N ALA B 52 6.54 12.21 -3.08
CA ALA B 52 6.45 13.31 -4.03
C ALA B 52 5.33 13.05 -5.01
N LEU B 53 4.52 14.06 -5.27
CA LEU B 53 3.38 13.90 -6.17
C LEU B 53 3.12 15.21 -6.90
N GLY B 54 2.31 15.12 -7.94
CA GLY B 54 2.01 16.28 -8.77
C GLY B 54 1.94 15.84 -10.22
N ASP B 55 1.56 16.76 -11.11
CA ASP B 55 1.25 16.36 -12.48
C ASP B 55 2.47 15.73 -13.14
N SER B 56 2.19 14.90 -14.15
CA SER B 56 3.25 14.35 -14.96
C SER B 56 4.07 15.47 -15.58
N GLY B 57 5.39 15.35 -15.49
CA GLY B 57 6.29 16.29 -16.15
C GLY B 57 6.70 17.49 -15.32
N VAL B 58 6.21 17.63 -14.08
CA VAL B 58 6.59 18.80 -13.31
C VAL B 58 8.02 18.66 -12.76
N GLY B 59 8.49 17.43 -12.56
CA GLY B 59 9.88 17.18 -12.20
C GLY B 59 10.13 16.45 -10.89
N LYS B 60 9.18 15.59 -10.47
CA LYS B 60 9.32 14.90 -9.20
C LYS B 60 10.55 13.99 -9.21
N THR B 61 10.72 13.21 -10.28
CA THR B 61 11.86 12.32 -10.38
C THR B 61 13.18 13.09 -10.41
N SER B 62 13.22 14.17 -11.19
CA SER B 62 14.45 14.96 -11.29
C SER B 62 14.76 15.66 -9.98
N VAL B 63 13.75 16.12 -9.26
CA VAL B 63 14.00 16.78 -7.99
C VAL B 63 14.66 15.82 -7.01
N LEU B 64 14.14 14.58 -6.91
CA LEU B 64 14.70 13.64 -5.96
C LEU B 64 16.10 13.19 -6.37
N TYR B 65 16.33 13.04 -7.68
CA TYR B 65 17.66 12.66 -8.16
C TYR B 65 18.71 13.74 -7.85
N GLN B 66 18.32 15.02 -8.01
CA GLN B 66 19.24 16.11 -7.69
C GLN B 66 19.58 16.12 -6.20
N TYR B 67 18.59 15.87 -5.35
CA TYR B 67 18.82 15.83 -3.91
C TYR B 67 19.75 14.68 -3.51
N THR B 68 19.49 13.46 -4.03
CA THR B 68 20.29 12.32 -3.58
C THR B 68 21.66 12.25 -4.25
N ASP B 69 21.76 12.66 -5.53
CA ASP B 69 22.97 12.44 -6.32
C ASP B 69 23.61 13.72 -6.85
N GLY B 70 22.93 14.85 -6.81
CA GLY B 70 23.51 16.09 -7.32
C GLY B 70 23.66 16.11 -8.83
N LYS B 71 22.75 15.45 -9.55
CA LYS B 71 22.84 15.27 -10.99
C LYS B 71 21.48 15.55 -11.63
N PHE B 72 21.48 15.74 -12.94
CA PHE B 72 20.24 16.08 -13.63
C PHE B 72 20.32 15.58 -15.07
N ASN B 73 19.28 14.90 -15.51
N ASN B 73 19.27 14.95 -15.54
CA ASN B 73 19.16 14.45 -16.89
CA ASN B 73 19.18 14.44 -16.91
C ASN B 73 18.08 15.31 -17.54
C ASN B 73 18.06 15.16 -17.62
N SER B 74 18.38 15.81 -18.73
CA SER B 74 17.39 16.61 -19.44
C SER B 74 16.39 15.75 -20.21
N LYS B 75 16.69 14.48 -20.42
CA LYS B 75 15.80 13.60 -21.17
C LYS B 75 14.64 13.12 -20.27
N PHE B 76 13.43 13.15 -20.80
CA PHE B 76 12.23 12.85 -20.02
C PHE B 76 11.99 11.34 -20.01
N ILE B 77 12.14 10.71 -18.85
CA ILE B 77 11.78 9.30 -18.66
C ILE B 77 10.65 9.27 -17.64
N THR B 78 9.40 9.25 -18.13
CA THR B 78 8.25 9.20 -17.25
C THR B 78 8.32 7.98 -16.33
N THR B 79 7.90 8.16 -15.09
CA THR B 79 8.02 7.11 -14.09
C THR B 79 6.99 6.01 -14.32
N VAL B 80 7.43 4.76 -14.22
CA VAL B 80 6.56 3.60 -14.44
C VAL B 80 5.82 3.29 -13.14
N GLY B 81 4.78 4.09 -12.87
CA GLY B 81 3.95 3.87 -11.70
C GLY B 81 4.53 4.41 -10.43
N ILE B 82 5.64 3.83 -9.99
CA ILE B 82 6.11 4.08 -8.63
C ILE B 82 7.60 3.72 -8.57
N ASP B 83 8.35 4.47 -7.76
CA ASP B 83 9.74 4.17 -7.44
C ASP B 83 10.05 4.89 -6.13
N PHE B 84 11.20 4.57 -5.54
CA PHE B 84 11.63 5.31 -4.37
C PHE B 84 13.15 5.35 -4.33
N ARG B 85 13.69 6.36 -3.66
CA ARG B 85 15.12 6.50 -3.39
C ARG B 85 15.34 6.50 -1.89
N GLU B 86 16.61 6.53 -1.48
CA GLU B 86 16.97 6.57 -0.07
C GLU B 86 18.12 7.54 0.11
N LYS B 87 18.23 8.10 1.31
CA LYS B 87 19.35 8.94 1.64
C LYS B 87 19.52 8.95 3.15
N ARG B 88 20.77 8.84 3.61
CA ARG B 88 21.12 8.99 5.02
C ARG B 88 21.54 10.43 5.27
N VAL B 89 20.85 11.11 6.18
CA VAL B 89 21.13 12.50 6.50
C VAL B 89 21.17 12.64 8.01
N VAL B 90 21.71 13.76 8.46
CA VAL B 90 21.68 14.15 9.87
C VAL B 90 20.70 15.30 10.01
N TYR B 91 19.82 15.19 11.01
CA TYR B 91 18.76 16.17 11.26
C TYR B 91 18.98 16.83 12.61
N ARG B 92 18.79 18.15 12.66
CA ARG B 92 19.03 18.92 13.88
C ARG B 92 17.74 19.66 14.23
N ALA B 93 17.15 19.29 15.36
CA ALA B 93 15.89 19.88 15.81
C ALA B 93 16.08 21.35 16.19
N SER B 94 14.96 22.04 16.34
CA SER B 94 14.98 23.45 16.73
C SER B 94 14.55 23.61 18.18
N ALA B 99 19.27 26.37 20.32
CA ALA B 99 18.15 26.13 19.41
C ALA B 99 18.49 25.04 18.39
N THR B 100 19.78 24.85 18.10
CA THR B 100 20.21 23.79 17.20
C THR B 100 20.40 22.50 17.99
N GLY B 101 19.53 21.52 17.76
CA GLY B 101 19.59 20.27 18.49
C GLY B 101 20.73 19.38 18.05
N ARG B 102 20.97 18.33 18.84
CA ARG B 102 22.05 17.40 18.55
C ARG B 102 21.63 16.48 17.41
N GLY B 103 22.48 16.37 16.40
CA GLY B 103 22.18 15.67 15.17
C GLY B 103 21.65 14.26 15.30
N GLN B 104 20.43 14.03 14.80
CA GLN B 104 19.82 12.71 14.78
C GLN B 104 20.00 12.08 13.41
N ARG B 105 20.59 10.89 13.37
CA ARG B 105 20.74 10.15 12.12
C ARG B 105 19.37 9.76 11.57
N ILE B 106 19.11 10.11 10.32
CA ILE B 106 17.82 9.87 9.69
C ILE B 106 18.03 9.07 8.41
N HIS B 107 17.22 8.04 8.23
CA HIS B 107 17.19 7.25 7.01
C HIS B 107 15.95 7.63 6.24
N LEU B 108 16.12 8.26 5.09
CA LEU B 108 15.03 8.79 4.29
C LEU B 108 14.63 7.78 3.24
N GLN B 109 13.33 7.50 3.14
CA GLN B 109 12.77 6.81 2.00
C GLN B 109 11.95 7.84 1.21
N LEU B 110 12.35 8.09 -0.04
CA LEU B 110 11.77 9.15 -0.87
C LEU B 110 10.92 8.49 -1.94
N TRP B 111 9.61 8.37 -1.70
CA TRP B 111 8.69 7.80 -2.67
C TRP B 111 8.51 8.74 -3.86
N ASP B 112 8.50 8.16 -5.05
CA ASP B 112 8.35 8.92 -6.29
C ASP B 112 7.16 8.36 -7.05
N THR B 113 6.12 9.18 -7.23
CA THR B 113 4.89 8.70 -7.86
C THR B 113 4.76 9.19 -9.31
N ALA B 114 4.18 8.33 -10.15
CA ALA B 114 3.81 8.74 -11.50
C ALA B 114 2.64 9.72 -11.44
N GLY B 115 2.72 10.78 -12.24
CA GLY B 115 1.63 11.75 -12.24
C GLY B 115 0.49 11.40 -13.17
N LEU B 116 0.69 10.48 -14.11
CA LEU B 116 -0.32 10.21 -15.13
C LEU B 116 -1.56 9.57 -14.51
N GLU B 117 -2.72 9.97 -15.01
CA GLU B 117 -3.98 9.54 -14.42
C GLU B 117 -4.09 8.02 -14.38
N ARG B 118 -3.50 7.33 -15.36
CA ARG B 118 -3.61 5.87 -15.35
C ARG B 118 -2.94 5.24 -14.14
N PHE B 119 -2.04 5.95 -13.46
CA PHE B 119 -1.39 5.41 -12.27
C PHE B 119 -2.02 5.92 -10.98
N ARG B 120 -3.14 6.64 -11.07
CA ARG B 120 -3.70 7.30 -9.90
C ARG B 120 -4.05 6.31 -8.79
N SER B 121 -4.70 5.19 -9.15
CA SER B 121 -5.09 4.21 -8.13
C SER B 121 -3.87 3.57 -7.49
N LEU B 122 -2.88 3.21 -8.30
CA LEU B 122 -1.66 2.62 -7.77
C LEU B 122 -0.90 3.60 -6.87
N THR B 123 -0.71 4.84 -7.33
CA THR B 123 0.07 5.76 -6.51
C THR B 123 -0.68 6.14 -5.24
N THR B 124 -2.00 6.29 -5.33
CA THR B 124 -2.79 6.61 -4.15
C THR B 124 -2.68 5.53 -3.09
N ALA B 125 -2.46 4.27 -3.50
CA ALA B 125 -2.28 3.23 -2.51
C ALA B 125 -1.03 3.46 -1.65
N PHE B 126 -0.12 4.33 -2.08
CA PHE B 126 1.12 4.53 -1.33
C PHE B 126 1.08 5.74 -0.42
N PHE B 127 -0.04 6.48 -0.40
CA PHE B 127 -0.14 7.63 0.49
C PHE B 127 -0.03 7.20 1.96
N ARG B 128 -0.50 5.98 2.28
CA ARG B 128 -0.47 5.48 3.65
C ARG B 128 0.94 5.27 4.18
N ASP B 129 1.92 5.03 3.31
CA ASP B 129 3.29 4.83 3.77
C ASP B 129 4.04 6.14 3.92
N ALA B 130 3.41 7.26 3.63
CA ALA B 130 4.06 8.56 3.61
C ALA B 130 3.79 9.31 4.91
N MET B 131 4.85 9.88 5.49
CA MET B 131 4.73 10.74 6.65
C MET B 131 4.61 12.20 6.29
N GLY B 132 4.89 12.56 5.04
CA GLY B 132 4.71 13.92 4.57
C GLY B 132 4.77 13.87 3.06
N PHE B 133 4.46 15.01 2.45
CA PHE B 133 4.28 15.07 1.01
C PHE B 133 4.99 16.29 0.44
N LEU B 134 5.77 16.05 -0.61
CA LEU B 134 6.40 17.10 -1.41
C LEU B 134 5.55 17.26 -2.67
N LEU B 135 4.81 18.36 -2.76
CA LEU B 135 3.87 18.57 -3.84
C LEU B 135 4.51 19.53 -4.84
N LEU B 136 4.60 19.11 -6.11
CA LEU B 136 5.27 19.90 -7.13
C LEU B 136 4.29 20.42 -8.17
N PHE B 137 4.60 21.61 -8.68
CA PHE B 137 4.06 22.03 -9.95
C PHE B 137 5.20 22.61 -10.78
N ASP B 138 4.88 22.95 -12.01
CA ASP B 138 5.81 23.43 -13.01
C ASP B 138 5.56 24.92 -13.20
N LEU B 139 6.53 25.75 -12.78
CA LEU B 139 6.42 27.20 -12.96
C LEU B 139 6.21 27.61 -14.40
N THR B 140 6.53 26.75 -15.36
CA THR B 140 6.31 27.02 -16.78
C THR B 140 5.02 26.40 -17.30
N ASN B 141 4.18 25.81 -16.45
CA ASN B 141 2.97 25.15 -16.91
C ASN B 141 1.82 25.49 -15.98
N GLU B 142 0.96 26.41 -16.42
CA GLU B 142 -0.07 26.96 -15.55
C GLU B 142 -1.10 25.91 -15.12
N GLN B 143 -1.39 24.92 -15.96
CA GLN B 143 -2.37 23.91 -15.57
C GLN B 143 -1.87 23.10 -14.39
N SER B 144 -0.56 22.81 -14.35
CA SER B 144 0.01 22.08 -13.24
C SER B 144 -0.17 22.85 -11.93
N PHE B 145 0.01 24.18 -11.97
CA PHE B 145 -0.23 25.01 -10.79
C PHE B 145 -1.70 25.02 -10.40
N LEU B 146 -2.58 25.19 -11.40
CA LEU B 146 -4.01 25.18 -11.12
C LEU B 146 -4.45 23.87 -10.50
N ASN B 147 -3.80 22.75 -10.85
CA ASN B 147 -4.24 21.45 -10.32
C ASN B 147 -3.82 21.24 -8.88
N VAL B 148 -3.04 22.16 -8.32
CA VAL B 148 -2.50 21.98 -6.98
C VAL B 148 -3.62 21.80 -5.95
N ARG B 149 -4.72 22.54 -6.10
CA ARG B 149 -5.80 22.40 -5.14
C ARG B 149 -6.44 21.02 -5.20
N ASN B 150 -6.53 20.44 -6.40
CA ASN B 150 -7.03 19.07 -6.51
C ASN B 150 -6.08 18.11 -5.80
N TRP B 151 -4.77 18.24 -6.04
CA TRP B 151 -3.81 17.39 -5.36
C TRP B 151 -3.95 17.53 -3.85
N ILE B 152 -4.12 18.76 -3.35
CA ILE B 152 -4.26 18.94 -1.92
C ILE B 152 -5.54 18.27 -1.40
N SER B 153 -6.65 18.39 -2.14
CA SER B 153 -7.87 17.68 -1.75
C SER B 153 -7.62 16.18 -1.66
N GLN B 154 -6.96 15.62 -2.68
CA GLN B 154 -6.67 14.19 -2.70
C GLN B 154 -5.87 13.78 -1.49
N LEU B 155 -4.89 14.60 -1.09
CA LEU B 155 -4.09 14.29 0.09
C LEU B 155 -4.94 14.34 1.35
N GLN B 156 -5.83 15.32 1.46
CA GLN B 156 -6.66 15.41 2.66
C GLN B 156 -7.59 14.22 2.74
N MET B 157 -8.00 13.68 1.60
CA MET B 157 -8.95 12.58 1.56
C MET B 157 -8.26 11.23 1.74
N HIS B 158 -6.99 11.13 1.36
CA HIS B 158 -6.34 9.83 1.25
C HIS B 158 -5.12 9.64 2.12
N ALA B 159 -4.57 10.70 2.72
CA ALA B 159 -3.47 10.53 3.65
C ALA B 159 -3.96 9.87 4.94
N TYR B 160 -3.03 9.41 5.76
N TYR B 160 -2.97 9.49 5.77
CA TYR B 160 -3.47 8.64 6.94
CA TYR B 160 -3.11 8.59 6.92
C TYR B 160 -3.16 9.39 8.23
C TYR B 160 -3.95 9.17 8.05
N CYS B 161 -3.94 10.59 8.28
CA CYS B 161 -3.89 11.71 9.24
C CYS B 161 -4.49 12.99 8.66
N GLU B 162 -5.61 13.49 9.39
CA GLU B 162 -6.08 14.85 9.18
C GLU B 162 -4.90 15.80 8.99
N ASN B 163 -5.03 16.68 8.00
CA ASN B 163 -4.12 17.81 7.84
C ASN B 163 -2.68 17.34 7.60
N PRO B 164 -2.42 16.56 6.55
CA PRO B 164 -1.06 16.05 6.36
C PRO B 164 -0.04 17.17 6.13
N ASP B 165 1.19 16.90 6.53
CA ASP B 165 2.27 17.85 6.29
C ASP B 165 2.61 17.90 4.80
N ILE B 166 2.69 19.10 4.24
CA ILE B 166 2.93 19.29 2.82
C ILE B 166 3.91 20.45 2.63
N VAL B 167 4.87 20.27 1.72
CA VAL B 167 5.71 21.35 1.22
C VAL B 167 5.48 21.48 -0.28
N LEU B 168 5.13 22.67 -0.73
CA LEU B 168 4.83 22.90 -2.14
C LEU B 168 6.07 23.44 -2.85
N CYS B 169 6.35 22.90 -4.02
CA CYS B 169 7.51 23.30 -4.81
C CYS B 169 7.07 23.77 -6.18
N GLY B 170 7.33 25.04 -6.49
CA GLY B 170 7.26 25.50 -7.87
C GLY B 170 8.59 25.21 -8.54
N ASN B 171 8.63 24.17 -9.37
CA ASN B 171 9.88 23.67 -9.90
C ASN B 171 10.18 24.28 -11.27
N LYS B 172 11.41 24.08 -11.73
CA LYS B 172 11.94 24.62 -12.99
C LYS B 172 12.13 26.14 -12.90
N SER B 173 12.58 26.62 -11.74
CA SER B 173 12.88 28.04 -11.58
C SER B 173 14.02 28.53 -12.47
N ASP B 174 14.73 27.62 -13.11
CA ASP B 174 15.82 28.04 -13.99
C ASP B 174 15.34 28.39 -15.39
N LEU B 175 14.07 28.13 -15.71
CA LEU B 175 13.53 28.48 -17.03
C LEU B 175 12.74 29.78 -16.96
N GLU B 176 13.44 30.85 -16.60
CA GLU B 176 12.79 32.14 -16.33
C GLU B 176 12.00 32.65 -17.52
N ASP B 177 12.52 32.48 -18.73
CA ASP B 177 11.82 32.99 -19.90
C ASP B 177 10.57 32.19 -20.21
N GLN B 178 10.49 30.95 -19.73
CA GLN B 178 9.31 30.12 -19.92
C GLN B 178 8.31 30.23 -18.77
N ARG B 179 8.61 31.02 -17.74
CA ARG B 179 7.77 31.05 -16.55
C ARG B 179 6.42 31.69 -16.84
N VAL B 180 5.34 31.07 -16.37
CA VAL B 180 3.98 31.58 -16.56
C VAL B 180 3.24 31.71 -15.23
N VAL B 181 3.74 31.09 -14.16
CA VAL B 181 3.12 31.20 -12.85
C VAL B 181 3.81 32.33 -12.10
N LYS B 182 3.05 33.37 -11.76
CA LYS B 182 3.64 34.50 -11.04
C LYS B 182 3.89 34.11 -9.59
N GLU B 183 5.01 34.57 -9.05
CA GLU B 183 5.41 34.14 -7.72
C GLU B 183 4.39 34.55 -6.65
N GLU B 184 3.75 35.71 -6.84
CA GLU B 184 2.78 36.19 -5.87
C GLU B 184 1.56 35.29 -5.80
N GLU B 185 1.12 34.75 -6.94
CA GLU B 185 -0.01 33.83 -6.95
C GLU B 185 0.31 32.54 -6.20
N ALA B 186 1.55 32.06 -6.32
CA ALA B 186 1.93 30.82 -5.64
C ALA B 186 2.05 31.05 -4.15
N ILE B 187 2.71 32.13 -3.74
CA ILE B 187 2.79 32.50 -2.34
C ILE B 187 1.40 32.64 -1.76
N ALA B 188 0.49 33.26 -2.51
CA ALA B 188 -0.88 33.45 -2.04
C ALA B 188 -1.60 32.13 -1.86
N LEU B 189 -1.55 31.25 -2.87
CA LEU B 189 -2.13 29.92 -2.73
C LEU B 189 -1.57 29.21 -1.50
N ALA B 190 -0.24 29.14 -1.39
CA ALA B 190 0.38 28.44 -0.26
C ALA B 190 -0.06 29.03 1.06
N GLU B 191 -0.05 30.36 1.17
CA GLU B 191 -0.51 31.03 2.38
C GLU B 191 -1.94 30.64 2.76
N LYS B 192 -2.81 30.48 1.76
CA LYS B 192 -4.21 30.10 2.03
C LYS B 192 -4.31 28.75 2.74
N TYR B 193 -3.40 27.82 2.44
CA TYR B 193 -3.43 26.49 3.00
C TYR B 193 -2.49 26.32 4.19
N GLY B 194 -1.74 27.35 4.55
CA GLY B 194 -0.77 27.23 5.60
C GLY B 194 0.37 26.29 5.31
N ILE B 195 0.80 26.18 4.06
CA ILE B 195 1.88 25.24 3.74
C ILE B 195 3.09 25.97 3.15
N PRO B 196 4.30 25.53 3.50
CA PRO B 196 5.51 26.24 3.03
C PRO B 196 5.70 26.11 1.52
N TYR B 197 6.25 27.16 0.93
CA TYR B 197 6.43 27.22 -0.51
C TYR B 197 7.88 27.52 -0.86
N PHE B 198 8.45 26.76 -1.79
CA PHE B 198 9.79 27.02 -2.33
C PHE B 198 9.76 26.96 -3.85
N GLU B 199 10.53 27.84 -4.49
CA GLU B 199 10.76 27.75 -5.93
C GLU B 199 12.07 26.99 -6.13
N THR B 200 12.01 25.87 -6.83
CA THR B 200 13.13 24.95 -6.95
C THR B 200 13.56 24.77 -8.40
N SER B 201 14.77 24.26 -8.56
CA SER B 201 15.27 23.83 -9.86
C SER B 201 15.98 22.50 -9.67
N ALA B 202 15.46 21.44 -10.26
CA ALA B 202 16.17 20.17 -10.26
C ALA B 202 17.43 20.25 -11.12
N ALA B 203 17.48 21.21 -12.05
CA ALA B 203 18.61 21.30 -12.96
C ALA B 203 19.84 21.84 -12.25
N ASN B 204 19.72 22.94 -11.50
CA ASN B 204 20.87 23.50 -10.82
C ASN B 204 20.85 23.31 -9.32
N GLY B 205 19.82 22.70 -8.75
CA GLY B 205 19.79 22.39 -7.34
C GLY B 205 19.19 23.45 -6.42
N THR B 206 18.82 24.62 -6.96
CA THR B 206 18.39 25.73 -6.11
C THR B 206 17.18 25.32 -5.27
N ASN B 207 17.32 25.44 -3.95
CA ASN B 207 16.26 25.24 -2.94
C ASN B 207 15.79 23.80 -2.80
N ILE B 208 16.40 22.84 -3.51
CA ILE B 208 16.01 21.45 -3.36
C ILE B 208 16.16 20.99 -1.91
N SER B 209 17.38 21.11 -1.38
N SER B 209 17.37 21.11 -1.36
CA SER B 209 17.64 20.67 -0.01
CA SER B 209 17.60 20.65 0.00
C SER B 209 16.85 21.49 1.00
C SER B 209 16.84 21.49 1.01
N GLN B 210 16.63 22.78 0.72
CA GLN B 210 15.87 23.60 1.65
C GLN B 210 14.42 23.14 1.72
N ALA B 211 13.83 22.79 0.57
CA ALA B 211 12.45 22.35 0.60
C ALA B 211 12.30 21.02 1.33
N ILE B 212 13.20 20.07 1.05
CA ILE B 212 13.09 18.73 1.62
C ILE B 212 13.41 18.76 3.11
N GLU B 213 14.38 19.59 3.50
CA GLU B 213 14.70 19.72 4.92
C GLU B 213 13.55 20.38 5.67
N MET B 214 12.85 21.32 5.05
CA MET B 214 11.65 21.88 5.67
C MET B 214 10.58 20.80 5.86
N LEU B 215 10.43 19.90 4.89
CA LEU B 215 9.45 18.83 5.06
C LEU B 215 9.84 17.90 6.19
N LEU B 216 11.11 17.48 6.21
CA LEU B 216 11.63 16.68 7.32
C LEU B 216 11.41 17.35 8.66
N ASP B 217 11.58 18.66 8.71
CA ASP B 217 11.40 19.38 9.97
C ASP B 217 9.95 19.36 10.43
N LEU B 218 9.01 19.41 9.49
CA LEU B 218 7.60 19.29 9.84
C LEU B 218 7.29 17.92 10.41
N ILE B 219 7.80 16.86 9.78
CA ILE B 219 7.58 15.50 10.25
C ILE B 219 8.22 15.29 11.62
N MET B 220 9.43 15.80 11.81
CA MET B 220 10.10 15.63 13.10
C MET B 220 9.38 16.43 14.19
N LYS B 221 9.06 17.69 13.91
CA LYS B 221 8.34 18.51 14.87
C LYS B 221 7.03 17.87 15.28
N ARG B 222 6.34 17.22 14.34
CA ARG B 222 5.04 16.64 14.67
C ARG B 222 5.20 15.42 15.58
N MET B 223 6.09 14.49 15.23
CA MET B 223 6.35 13.34 16.08
C MET B 223 6.72 13.77 17.51
N GLU B 224 7.56 14.79 17.62
CA GLU B 224 7.99 15.34 18.91
C GLU B 224 6.84 16.04 19.66
N ARG B 225 5.65 16.08 19.08
CA ARG B 225 4.49 16.63 19.76
C ARG B 225 3.64 15.59 20.47
N SER B 226 3.61 14.37 19.96
CA SER B 226 2.82 13.30 20.57
C SER B 226 3.42 12.89 21.89
C1 GOL C . -12.92 -17.10 18.24
O1 GOL C . -11.92 -16.33 17.60
C2 GOL C . -12.33 -17.59 19.61
O2 GOL C . -11.67 -16.58 20.31
C3 GOL C . -13.54 -18.15 20.41
O3 GOL C . -13.81 -17.23 21.45
PG GNP D . -11.74 -12.96 -8.36
O1G GNP D . -11.83 -12.84 -9.87
O2G GNP D . -10.30 -13.06 -7.86
O3G GNP D . -12.43 -11.76 -7.66
N3B GNP D . -12.57 -14.39 -7.98
PB GNP D . -12.90 -14.84 -6.46
O1B GNP D . -13.24 -13.67 -5.58
O2B GNP D . -11.76 -15.66 -5.93
O3A GNP D . -14.20 -15.86 -6.56
PA GNP D . -15.72 -15.57 -6.21
O1A GNP D . -16.17 -14.41 -7.09
O2A GNP D . -15.93 -15.45 -4.74
O5' GNP D . -16.41 -16.93 -6.67
C5' GNP D . -16.19 -17.49 -7.99
C4' GNP D . -17.41 -18.28 -8.38
O4' GNP D . -17.48 -19.52 -7.64
C3' GNP D . -18.77 -17.61 -8.17
O3' GNP D . -19.68 -18.06 -9.17
C2' GNP D . -19.16 -18.10 -6.78
O2' GNP D . -20.58 -18.17 -6.61
C1' GNP D . -18.61 -19.52 -6.78
N9 GNP D . -18.18 -20.02 -5.47
C8 GNP D . -17.27 -19.44 -4.62
N7 GNP D . -17.06 -20.15 -3.53
C5 GNP D . -17.87 -21.26 -3.69
C6 GNP D . -18.09 -22.39 -2.83
O6 GNP D . -17.54 -22.62 -1.75
N1 GNP D . -19.00 -23.28 -3.36
C2 GNP D . -19.65 -23.12 -4.55
N2 GNP D . -20.52 -24.07 -4.90
N3 GNP D . -19.46 -22.07 -5.36
C4 GNP D . -18.56 -21.20 -4.87
C1 GOL E . -18.62 -12.75 -6.29
O1 GOL E . -18.67 -13.45 -7.51
C2 GOL E . -20.07 -12.43 -5.87
O2 GOL E . -20.85 -13.59 -5.78
C3 GOL E . -19.94 -11.65 -4.54
O3 GOL E . -20.53 -12.40 -3.50
C1 GOL F . 1.45 -15.89 -9.55
O1 GOL F . 1.52 -15.32 -8.25
C2 GOL F . 0.43 -17.09 -9.53
O2 GOL F . 0.42 -17.74 -8.31
C3 GOL F . -0.97 -16.48 -9.93
O3 GOL F . -1.89 -17.54 -10.25
C10 WTU G . 3.11 -9.31 10.46
C11 WTU G . 3.47 -8.86 9.03
C03 WTU G . 1.13 -4.43 10.99
C04 WTU G . 1.07 -5.29 9.92
C05 WTU G . 1.50 -6.61 10.07
C06 WTU G . 1.99 -7.05 11.29
C07 WTU G . 2.05 -6.16 12.37
C08 WTU G . 1.61 -4.85 12.22
C12 WTU G . 3.58 -10.06 8.03
C22 WTU G . 3.09 -1.75 9.51
C23 WTU G . 3.51 -0.54 9.06
C24 WTU G . 2.63 0.52 9.75
C25 WTU G . 1.65 -0.26 10.70
N09 WTU G . 2.44 -8.44 11.47
N21 WTU G . 1.71 -1.55 10.36
O01 WTU G . -0.31 -2.31 11.84
O20 WTU G . 3.40 -10.41 10.81
O26 WTU G . -0.48 -2.87 9.63
S02 WTU G . 0.52 -2.75 10.71
MG MG H . -13.35 -11.71 -5.83
C1 GOL I . 14.15 12.45 -15.99
O1 GOL I . 12.85 12.16 -16.45
C2 GOL I . 14.53 11.34 -14.94
O2 GOL I . 14.27 10.08 -15.44
C3 GOL I . 16.04 11.56 -14.59
O3 GOL I . 16.23 11.29 -13.23
PG GNP J . 6.18 11.76 -14.17
O1G GNP J . 5.12 11.98 -13.14
O2G GNP J . 5.56 11.48 -15.54
O3G GNP J . 7.12 10.61 -13.73
N3B GNP J . 7.04 13.19 -14.41
PB GNP J . 8.01 13.86 -13.30
O1B GNP J . 7.27 14.78 -12.40
O2B GNP J . 8.76 12.76 -12.60
O3A GNP J . 9.03 14.79 -14.20
PA GNP J . 10.58 14.50 -14.52
O1A GNP J . 10.65 13.17 -15.26
O2A GNP J . 11.39 14.50 -13.26
O5' GNP J . 10.97 15.75 -15.41
C5' GNP J . 10.19 16.14 -16.56
C4' GNP J . 11.07 16.80 -17.58
O4' GNP J . 11.40 18.14 -17.16
C3' GNP J . 12.39 16.12 -17.90
O3' GNP J . 12.71 16.28 -19.28
C2' GNP J . 13.39 16.85 -17.00
O2' GNP J . 14.69 16.89 -17.57
C1' GNP J . 12.81 18.27 -16.99
N9 GNP J . 13.02 18.99 -15.73
C8 GNP J . 12.61 18.60 -14.49
N7 GNP J . 12.88 19.47 -13.55
C5 GNP J . 13.49 20.50 -14.24
C6 GNP J . 14.04 21.75 -13.76
O6 GNP J . 14.04 22.16 -12.59
N1 GNP J . 14.56 22.51 -14.79
C2 GNP J . 14.59 22.14 -16.11
N2 GNP J . 15.14 22.99 -16.97
N3 GNP J . 14.10 20.99 -16.54
C4 GNP J . 13.58 20.23 -15.56
C1 GOL K . 0.28 36.91 -1.60
O1 GOL K . 1.31 36.39 -2.39
C2 GOL K . 0.73 36.97 -0.11
O2 GOL K . 2.09 37.14 0.05
C3 GOL K . 0.22 35.68 0.55
O3 GOL K . 0.92 35.55 1.76
C1 GOL L . 15.95 31.07 -18.75
O1 GOL L . 15.46 31.55 -19.95
C2 GOL L . 16.86 29.89 -19.11
O2 GOL L . 16.95 29.68 -20.49
C3 GOL L . 18.21 30.23 -18.49
O3 GOL L . 18.87 29.03 -18.45
C1 GOL M . 17.86 31.74 -9.89
O1 GOL M . 19.12 32.24 -9.60
C2 GOL M . 18.18 30.31 -10.32
O2 GOL M . 18.81 29.58 -9.32
C3 GOL M . 16.90 29.67 -10.69
O3 GOL M . 17.29 28.35 -10.86
C10 WTU N . 1.11 11.44 9.12
C11 WTU N . 0.30 11.05 7.87
C03 WTU N . 3.72 6.64 9.01
C04 WTU N . 3.16 7.38 7.98
C05 WTU N . 2.61 8.65 8.22
C06 WTU N . 2.61 9.20 9.50
C07 WTU N . 3.18 8.45 10.53
C08 WTU N . 3.72 7.19 10.30
C12 WTU N . -0.58 12.19 7.24
C22 WTU N . 6.11 5.07 11.16
C23 WTU N . 6.91 4.18 11.79
C24 WTU N . 6.66 2.81 11.12
C25 WTU N . 5.31 2.99 10.30
N09 WTU N . 2.10 10.55 9.80
N21 WTU N . 5.12 4.30 10.12
O01 WTU N . 3.34 4.12 8.13
O20 WTU N . 0.94 12.52 9.61
O26 WTU N . 5.38 4.95 7.56
S02 WTU N . 4.40 4.99 8.69
MG MG O . 8.79 10.66 -12.60
#